data_6KB3
#
_entry.id   6KB3
#
_cell.length_a   44.804
_cell.length_b   62.016
_cell.length_c   53.076
_cell.angle_alpha   90.000
_cell.angle_beta   106.500
_cell.angle_gamma   90.000
#
_symmetry.space_group_name_H-M   'P 1 21 1'
#
loop_
_entity.id
_entity.type
_entity.pdbx_description
1 polymer 'Peroxisome proliferator-activated receptor alpha'
2 non-polymer GLYCEROL
3 non-polymer '2-[(4-{2-[(4-cyclohexylbutyl)(cyclohexylcarbamoyl)amino]ethyl}phenyl)sulfanyl]-2-methylpropanoic acid'
4 water water
#
_entity_poly.entity_id   1
_entity_poly.type   'polypeptide(L)'
_entity_poly.pdbx_seq_one_letter_code
;GSHMTADLKSLAKRIYEAYLKNFNMNKVKARVILSGKASNNPPFVIHDMETLCMAEKTLVAKLVANGIQNKEAEVRIFHC
CQCTSVETVTELTEFAKAIPGFANLDLNDQVTLLKYGVYEAIFAMLSSVMNKDGMLVAYGNGFITREFLKSLRKPFCDIM
EPKFDFAMKFNALELDDSDISLFVAAIICCGDRPGLLNVGHIEKMQEGIVHVLRLHLQSNHPDDIFLFPKLLQKMADLRQ
LVTEHAQLVQIIKKTESDAALHPLLQEIYRDMY
;
_entity_poly.pdbx_strand_id   A
#
loop_
_chem_comp.id
_chem_comp.type
_chem_comp.name
_chem_comp.formula
2VN non-polymer '2-[(4-{2-[(4-cyclohexylbutyl)(cyclohexylcarbamoyl)amino]ethyl}phenyl)sulfanyl]-2-methylpropanoic acid' 'C29 H46 N2 O3 S'
GOL non-polymer GLYCEROL 'C3 H8 O3'
#
# COMPACT_ATOMS: atom_id res chain seq x y z
N MET A 4 22.30 -8.50 15.82
CA MET A 4 22.22 -7.64 14.63
C MET A 4 23.57 -6.95 14.39
N THR A 5 24.28 -7.42 13.35
CA THR A 5 25.59 -6.86 13.04
C THR A 5 25.47 -5.40 12.60
N ALA A 6 26.63 -4.77 12.42
CA ALA A 6 26.64 -3.42 11.88
C ALA A 6 26.08 -3.38 10.47
N ASP A 7 26.35 -4.43 9.68
CA ASP A 7 25.86 -4.45 8.31
C ASP A 7 24.34 -4.61 8.26
N LEU A 8 23.78 -5.43 9.17
CA LEU A 8 22.32 -5.63 9.16
C LEU A 8 21.60 -4.41 9.73
N LYS A 9 22.09 -3.87 10.85
CA LYS A 9 21.55 -2.61 11.36
C LYS A 9 21.64 -1.52 10.31
N SER A 10 22.79 -1.43 9.64
CA SER A 10 22.94 -0.45 8.57
C SER A 10 21.94 -0.68 7.46
N LEU A 11 21.69 -1.95 7.10
CA LEU A 11 20.70 -2.25 6.06
C LEU A 11 19.31 -1.82 6.50
N ALA A 12 18.95 -2.07 7.77
CA ALA A 12 17.63 -1.67 8.24
C ALA A 12 17.47 -0.16 8.15
N LYS A 13 18.50 0.59 8.53
CA LYS A 13 18.46 2.04 8.45
C LYS A 13 18.41 2.50 7.01
N ARG A 14 19.16 1.85 6.13
CA ARG A 14 19.13 2.19 4.70
C ARG A 14 17.71 2.08 4.14
N ILE A 15 17.03 0.97 4.47
N ILE A 15 17.03 0.97 4.47
CA ILE A 15 15.67 0.78 3.98
CA ILE A 15 15.67 0.78 3.98
C ILE A 15 14.72 1.81 4.58
C ILE A 15 14.71 1.80 4.58
N TYR A 16 14.85 2.09 5.87
CA TYR A 16 14.03 3.12 6.52
C TYR A 16 14.22 4.47 5.85
N GLU A 17 15.46 4.87 5.60
CA GLU A 17 15.72 6.18 4.98
C GLU A 17 15.14 6.23 3.57
N ALA A 18 15.24 5.13 2.82
CA ALA A 18 14.65 5.08 1.48
C ALA A 18 13.13 5.23 1.53
N TYR A 19 12.50 4.64 2.54
N TYR A 19 12.51 4.66 2.56
CA TYR A 19 11.06 4.78 2.73
CA TYR A 19 11.06 4.78 2.73
C TYR A 19 10.70 6.24 3.00
C TYR A 19 10.67 6.22 3.05
N LEU A 20 11.42 6.87 3.95
CA LEU A 20 11.14 8.27 4.25
C LEU A 20 11.36 9.16 3.04
N LYS A 21 12.34 8.83 2.20
CA LYS A 21 12.63 9.68 1.06
C LYS A 21 11.56 9.54 -0.02
N ASN A 22 11.09 8.32 -0.29
CA ASN A 22 10.37 8.02 -1.51
C ASN A 22 8.85 8.02 -1.37
N PHE A 23 8.31 7.94 -0.16
CA PHE A 23 6.86 7.99 0.04
C PHE A 23 6.47 9.36 0.60
N ASN A 24 5.47 9.97 -0.02
CA ASN A 24 5.06 11.30 0.42
C ASN A 24 4.46 11.28 1.82
N MET A 25 3.88 10.15 2.21
CA MET A 25 3.26 10.02 3.52
C MET A 25 3.99 8.96 4.34
N ASN A 26 4.22 9.28 5.61
CA ASN A 26 4.73 8.33 6.58
C ASN A 26 3.88 8.44 7.84
N LYS A 27 4.07 7.47 8.74
CA LYS A 27 3.14 7.32 9.85
C LYS A 27 3.26 8.47 10.85
N VAL A 28 4.48 8.96 11.08
CA VAL A 28 4.65 10.14 11.93
C VAL A 28 3.91 11.34 11.34
N LYS A 29 4.11 11.60 10.05
CA LYS A 29 3.45 12.73 9.39
C LYS A 29 1.94 12.59 9.46
N ALA A 30 1.43 11.38 9.20
CA ALA A 30 -0.01 11.17 9.25
C ALA A 30 -0.56 11.42 10.65
N ARG A 31 0.13 10.93 11.67
CA ARG A 31 -0.34 11.12 13.03
C ARG A 31 -0.33 12.59 13.44
N VAL A 32 0.69 13.34 13.01
CA VAL A 32 0.71 14.78 13.30
C VAL A 32 -0.52 15.46 12.72
N ILE A 33 -0.87 15.12 11.48
CA ILE A 33 -2.04 15.73 10.86
C ILE A 33 -3.32 15.29 11.57
N LEU A 34 -3.43 13.98 11.83
CA LEU A 34 -4.65 13.44 12.43
C LEU A 34 -4.88 13.97 13.84
N SER A 35 -3.84 14.44 14.52
CA SER A 35 -3.97 14.89 15.90
C SER A 35 -4.60 16.28 16.00
N GLY A 36 -4.58 17.06 14.92
CA GLY A 36 -5.11 18.40 14.94
C GLY A 36 -4.09 19.43 15.39
N PRO A 43 -6.97 19.11 7.80
CA PRO A 43 -7.56 18.46 6.62
C PRO A 43 -9.06 18.71 6.49
N PHE A 44 -9.51 18.86 5.26
CA PHE A 44 -10.92 19.09 4.98
C PHE A 44 -11.68 17.78 5.07
N VAL A 45 -12.75 17.76 5.86
CA VAL A 45 -13.49 16.53 6.15
C VAL A 45 -14.57 16.30 5.09
N ILE A 46 -14.49 15.15 4.44
CA ILE A 46 -15.47 14.69 3.47
C ILE A 46 -16.34 13.65 4.17
N HIS A 47 -17.57 14.03 4.51
CA HIS A 47 -18.47 13.15 5.23
C HIS A 47 -19.82 12.99 4.57
N ASP A 48 -20.09 13.69 3.47
CA ASP A 48 -21.38 13.65 2.79
C ASP A 48 -21.18 14.20 1.38
N MET A 49 -22.25 14.21 0.58
CA MET A 49 -22.12 14.65 -0.81
C MET A 49 -21.76 16.13 -0.90
N GLU A 50 -22.32 16.95 -0.02
CA GLU A 50 -21.99 18.38 -0.05
C GLU A 50 -20.49 18.60 0.14
N THR A 51 -19.91 17.95 1.15
CA THR A 51 -18.48 18.14 1.42
C THR A 51 -17.61 17.45 0.38
N LEU A 52 -18.05 16.31 -0.18
CA LEU A 52 -17.32 15.76 -1.32
C LEU A 52 -17.20 16.76 -2.45
N CYS A 53 -18.31 17.41 -2.82
CA CYS A 53 -18.28 18.36 -3.93
C CYS A 53 -17.42 19.57 -3.58
N MET A 54 -17.50 20.06 -2.34
CA MET A 54 -16.62 21.14 -1.91
C MET A 54 -15.15 20.73 -2.01
N ALA A 55 -14.84 19.51 -1.58
CA ALA A 55 -13.44 19.06 -1.62
C ALA A 55 -12.95 18.91 -3.04
N GLU A 56 -13.79 18.42 -3.95
CA GLU A 56 -13.39 18.33 -5.35
C GLU A 56 -13.00 19.70 -5.90
N LYS A 57 -13.78 20.72 -5.60
CA LYS A 57 -13.50 22.05 -6.14
C LYS A 57 -12.23 22.66 -5.55
N THR A 58 -11.85 22.27 -4.32
CA THR A 58 -10.64 22.82 -3.73
C THR A 58 -9.40 21.95 -4.00
N LEU A 59 -9.53 20.63 -3.95
CA LEU A 59 -8.38 19.73 -3.98
C LEU A 59 -8.13 19.06 -5.33
N VAL A 60 -9.15 18.88 -6.17
CA VAL A 60 -8.98 18.30 -7.50
C VAL A 60 -9.78 19.10 -8.53
N ALA A 61 -9.55 20.43 -8.53
CA ALA A 61 -10.41 21.34 -9.27
C ALA A 61 -10.58 20.95 -10.73
N LYS A 62 -9.49 20.58 -11.40
CA LYS A 62 -9.55 20.26 -12.83
C LYS A 62 -10.56 19.16 -13.12
N LEU A 63 -10.74 18.23 -12.18
CA LEU A 63 -11.63 17.10 -12.40
C LEU A 63 -13.07 17.53 -12.62
N VAL A 64 -13.48 18.62 -11.95
CA VAL A 64 -14.87 19.06 -11.99
C VAL A 64 -15.01 20.44 -12.61
N ALA A 65 -14.00 20.90 -13.34
CA ALA A 65 -14.04 22.19 -14.00
C ALA A 65 -15.06 22.19 -15.13
N LYS A 71 -20.45 13.14 -14.25
CA LYS A 71 -20.50 11.73 -13.88
C LYS A 71 -20.88 11.54 -12.40
N GLU A 72 -21.33 10.34 -12.07
CA GLU A 72 -21.73 10.05 -10.69
C GLU A 72 -20.56 10.27 -9.74
N ALA A 73 -20.90 10.73 -8.53
CA ALA A 73 -19.89 10.96 -7.50
C ALA A 73 -19.00 9.73 -7.32
N GLU A 74 -19.61 8.54 -7.30
CA GLU A 74 -18.84 7.31 -7.07
C GLU A 74 -17.77 7.14 -8.13
N VAL A 75 -18.10 7.47 -9.38
CA VAL A 75 -17.14 7.31 -10.48
C VAL A 75 -16.04 8.36 -10.40
N ARG A 76 -16.39 9.58 -9.98
CA ARG A 76 -15.38 10.62 -9.76
C ARG A 76 -14.39 10.19 -8.68
N ILE A 77 -14.90 9.64 -7.58
CA ILE A 77 -14.01 9.16 -6.51
C ILE A 77 -13.11 8.07 -7.05
N PHE A 78 -13.67 7.13 -7.80
CA PHE A 78 -12.90 6.02 -8.36
C PHE A 78 -11.76 6.53 -9.24
N HIS A 79 -12.03 7.54 -10.08
CA HIS A 79 -10.97 8.11 -10.88
C HIS A 79 -9.86 8.71 -10.02
N CYS A 80 -10.23 9.48 -8.99
CA CYS A 80 -9.22 10.07 -8.12
C CYS A 80 -8.39 8.99 -7.44
N CYS A 81 -9.04 7.90 -7.01
CA CYS A 81 -8.32 6.80 -6.39
C CYS A 81 -7.29 6.22 -7.35
N GLN A 82 -7.68 6.05 -8.61
CA GLN A 82 -6.72 5.55 -9.60
C GLN A 82 -5.50 6.45 -9.71
N CYS A 83 -5.69 7.76 -9.68
CA CYS A 83 -4.54 8.67 -9.76
C CYS A 83 -3.57 8.42 -8.61
N THR A 84 -4.08 8.25 -7.39
CA THR A 84 -3.19 8.01 -6.27
C THR A 84 -2.48 6.68 -6.39
N SER A 85 -3.15 5.66 -6.94
CA SER A 85 -2.50 4.37 -7.13
C SER A 85 -1.36 4.48 -8.14
N VAL A 86 -1.59 5.16 -9.25
CA VAL A 86 -0.53 5.38 -10.24
C VAL A 86 0.67 6.06 -9.58
N GLU A 87 0.41 7.09 -8.78
CA GLU A 87 1.49 7.80 -8.10
C GLU A 87 2.25 6.87 -7.16
N THR A 88 1.53 6.04 -6.40
CA THR A 88 2.17 5.15 -5.44
C THR A 88 3.04 4.11 -6.14
N VAL A 89 2.66 3.69 -7.35
CA VAL A 89 3.51 2.79 -8.12
C VAL A 89 4.87 3.43 -8.37
N THR A 90 4.88 4.72 -8.73
CA THR A 90 6.14 5.43 -8.92
C THR A 90 6.98 5.42 -7.64
N GLU A 91 6.36 5.75 -6.51
CA GLU A 91 7.09 5.79 -5.26
C GLU A 91 7.66 4.41 -4.92
N LEU A 92 6.87 3.36 -5.09
N LEU A 92 6.87 3.36 -5.11
CA LEU A 92 7.33 2.01 -4.75
CA LEU A 92 7.31 2.01 -4.77
C LEU A 92 8.45 1.54 -5.67
C LEU A 92 8.46 1.57 -5.66
N THR A 93 8.40 1.94 -6.95
CA THR A 93 9.47 1.58 -7.87
C THR A 93 10.80 2.20 -7.47
N GLU A 94 10.78 3.46 -7.04
CA GLU A 94 12.02 4.10 -6.58
C GLU A 94 12.49 3.48 -5.28
N PHE A 95 11.56 3.20 -4.37
CA PHE A 95 11.91 2.58 -3.10
C PHE A 95 12.62 1.24 -3.30
N ALA A 96 12.12 0.42 -4.24
CA ALA A 96 12.65 -0.91 -4.46
C ALA A 96 14.14 -0.90 -4.75
N LYS A 97 14.68 0.21 -5.25
CA LYS A 97 16.10 0.26 -5.57
C LYS A 97 16.98 0.17 -4.32
N ALA A 98 16.46 0.52 -3.14
CA ALA A 98 17.24 0.41 -1.92
C ALA A 98 17.35 -1.01 -1.40
N ILE A 99 16.56 -1.95 -1.91
CA ILE A 99 16.58 -3.33 -1.46
C ILE A 99 17.79 -4.03 -2.07
N PRO A 100 18.74 -4.52 -1.25
CA PRO A 100 19.92 -5.20 -1.80
C PRO A 100 19.55 -6.28 -2.81
N GLY A 101 20.09 -6.17 -4.01
CA GLY A 101 19.90 -7.16 -5.04
C GLY A 101 18.76 -6.90 -5.99
N PHE A 102 17.83 -6.01 -5.62
CA PHE A 102 16.68 -5.74 -6.50
C PHE A 102 17.11 -5.18 -7.84
N ALA A 103 17.94 -4.12 -7.82
CA ALA A 103 18.43 -3.52 -9.05
C ALA A 103 19.35 -4.43 -9.84
N ASN A 104 19.87 -5.49 -9.22
CA ASN A 104 20.69 -6.46 -9.92
C ASN A 104 19.87 -7.55 -10.59
N LEU A 105 18.56 -7.60 -10.34
CA LEU A 105 17.72 -8.60 -10.95
C LEU A 105 17.45 -8.28 -12.40
N ASP A 106 17.09 -9.31 -13.16
CA ASP A 106 16.61 -9.10 -14.51
C ASP A 106 15.43 -8.13 -14.51
N LEU A 107 15.40 -7.24 -15.50
CA LEU A 107 14.35 -6.23 -15.57
C LEU A 107 12.96 -6.87 -15.51
N ASN A 108 12.79 -8.01 -16.19
CA ASN A 108 11.49 -8.67 -16.19
C ASN A 108 11.07 -9.10 -14.79
N ASP A 109 12.04 -9.60 -14.00
CA ASP A 109 11.74 -10.01 -12.63
C ASP A 109 11.40 -8.80 -11.76
N GLN A 110 12.09 -7.67 -11.97
CA GLN A 110 11.75 -6.46 -11.23
C GLN A 110 10.30 -6.07 -11.51
N VAL A 111 9.88 -6.18 -12.77
CA VAL A 111 8.51 -5.87 -13.15
C VAL A 111 7.54 -6.80 -12.43
N THR A 112 7.81 -8.10 -12.46
CA THR A 112 6.93 -9.09 -11.85
C THR A 112 6.79 -8.87 -10.35
N LEU A 113 7.91 -8.63 -9.65
CA LEU A 113 7.84 -8.40 -8.21
C LEU A 113 7.02 -7.16 -7.88
N LEU A 114 7.23 -6.08 -8.63
CA LEU A 114 6.45 -4.88 -8.38
C LEU A 114 4.99 -5.10 -8.74
N LYS A 115 4.73 -5.88 -9.80
CA LYS A 115 3.36 -6.16 -10.21
C LYS A 115 2.53 -6.75 -9.08
N TYR A 116 3.03 -7.83 -8.47
CA TYR A 116 2.31 -8.52 -7.43
C TYR A 116 2.42 -7.83 -6.08
N GLY A 117 3.49 -7.06 -5.87
CA GLY A 117 3.73 -6.47 -4.57
C GLY A 117 3.02 -5.15 -4.35
N VAL A 118 2.76 -4.36 -5.41
CA VAL A 118 2.37 -2.97 -5.21
C VAL A 118 1.09 -2.86 -4.38
N TYR A 119 0.06 -3.66 -4.71
CA TYR A 119 -1.20 -3.50 -3.96
C TYR A 119 -1.11 -4.04 -2.55
N GLU A 120 -0.28 -5.07 -2.31
CA GLU A 120 -0.03 -5.48 -0.93
C GLU A 120 0.62 -4.34 -0.14
N ALA A 121 1.62 -3.69 -0.75
CA ALA A 121 2.26 -2.55 -0.11
C ALA A 121 1.30 -1.39 0.06
N ILE A 122 0.45 -1.12 -0.95
CA ILE A 122 -0.51 -0.03 -0.85
C ILE A 122 -1.44 -0.22 0.35
N PHE A 123 -1.96 -1.44 0.50
CA PHE A 123 -2.93 -1.66 1.58
C PHE A 123 -2.24 -1.68 2.96
N ALA A 124 -0.99 -2.13 3.02
CA ALA A 124 -0.24 -2.02 4.25
C ALA A 124 -0.02 -0.56 4.64
N MET A 125 0.44 0.26 3.69
CA MET A 125 0.73 1.66 3.96
C MET A 125 -0.54 2.47 4.18
N LEU A 126 -1.65 2.06 3.54
CA LEU A 126 -2.91 2.74 3.78
C LEU A 126 -3.28 2.70 5.26
N SER A 127 -2.91 1.64 5.96
CA SER A 127 -3.23 1.55 7.38
C SER A 127 -2.66 2.73 8.15
N SER A 128 -1.52 3.27 7.74
CA SER A 128 -0.90 4.38 8.46
C SER A 128 -1.76 5.64 8.46
N VAL A 129 -2.66 5.78 7.49
CA VAL A 129 -3.49 6.97 7.39
C VAL A 129 -4.94 6.70 7.76
N MET A 130 -5.24 5.51 8.28
CA MET A 130 -6.59 5.13 8.66
C MET A 130 -6.73 5.12 10.17
N ASN A 131 -7.87 5.60 10.64
CA ASN A 131 -8.34 5.32 11.99
C ASN A 131 -9.75 4.73 11.89
N LYS A 132 -10.37 4.45 13.03
CA LYS A 132 -11.66 3.79 12.98
C LYS A 132 -12.73 4.64 12.32
N ASP A 133 -12.47 5.94 12.15
CA ASP A 133 -13.47 6.86 11.63
C ASP A 133 -13.28 7.26 10.17
N GLY A 134 -12.12 7.01 9.58
CA GLY A 134 -11.89 7.43 8.21
C GLY A 134 -10.42 7.38 7.86
N MET A 135 -10.08 8.06 6.76
CA MET A 135 -8.72 8.02 6.23
C MET A 135 -8.26 9.37 5.70
N LEU A 136 -6.99 9.69 5.95
CA LEU A 136 -6.37 10.87 5.38
C LEU A 136 -6.12 10.62 3.90
N VAL A 137 -6.40 11.64 3.07
CA VAL A 137 -6.28 11.52 1.63
C VAL A 137 -5.72 12.81 1.04
N ALA A 138 -5.43 12.76 -0.26
CA ALA A 138 -5.02 13.94 -1.02
C ALA A 138 -3.81 14.62 -0.38
N TYR A 139 -2.74 13.83 -0.21
CA TYR A 139 -1.47 14.36 0.26
C TYR A 139 -1.62 15.05 1.62
N GLY A 140 -2.46 14.47 2.47
CA GLY A 140 -2.68 14.94 3.81
C GLY A 140 -3.67 16.07 3.96
N ASN A 141 -4.36 16.46 2.89
CA ASN A 141 -5.22 17.64 2.93
C ASN A 141 -6.70 17.34 3.03
N GLY A 142 -7.08 16.06 2.97
CA GLY A 142 -8.46 15.69 3.15
C GLY A 142 -8.58 14.52 4.12
N PHE A 143 -9.79 14.33 4.64
CA PHE A 143 -10.10 13.19 5.48
C PHE A 143 -11.48 12.71 5.08
N ILE A 144 -11.58 11.47 4.61
N ILE A 144 -11.55 11.50 4.54
CA ILE A 144 -12.85 10.93 4.12
CA ILE A 144 -12.83 10.88 4.14
C ILE A 144 -13.36 9.90 5.12
C ILE A 144 -13.30 10.00 5.28
N THR A 145 -14.59 10.09 5.60
CA THR A 145 -15.11 9.24 6.65
C THR A 145 -15.42 7.84 6.14
N ARG A 146 -15.20 6.88 7.03
CA ARG A 146 -15.52 5.50 6.74
C ARG A 146 -17.01 5.33 6.44
N GLU A 147 -17.87 6.06 7.17
CA GLU A 147 -19.31 5.95 6.93
C GLU A 147 -19.70 6.55 5.58
N PHE A 148 -19.03 7.61 5.16
CA PHE A 148 -19.35 8.14 3.83
C PHE A 148 -19.04 7.12 2.76
N LEU A 149 -17.89 6.45 2.86
CA LEU A 149 -17.55 5.45 1.86
C LEU A 149 -18.55 4.31 1.86
N LYS A 150 -19.03 3.89 3.03
CA LYS A 150 -20.06 2.85 3.12
C LYS A 150 -21.37 3.30 2.49
N SER A 151 -21.61 4.61 2.38
CA SER A 151 -22.87 5.15 1.87
C SER A 151 -22.91 5.23 0.35
N LEU A 152 -21.79 5.00 -0.32
CA LEU A 152 -21.77 5.02 -1.77
C LEU A 152 -22.61 3.89 -2.33
N ARG A 153 -23.10 4.06 -3.55
CA ARG A 153 -23.87 2.98 -4.13
C ARG A 153 -22.99 1.76 -4.42
N LYS A 154 -23.60 0.59 -4.38
CA LYS A 154 -22.91 -0.63 -4.78
C LYS A 154 -22.50 -0.49 -6.24
N PRO A 155 -21.33 -1.03 -6.64
CA PRO A 155 -20.35 -1.79 -5.86
C PRO A 155 -19.28 -0.94 -5.19
N PHE A 156 -19.38 0.39 -5.33
CA PHE A 156 -18.29 1.24 -4.86
C PHE A 156 -18.16 1.27 -3.34
N CYS A 157 -19.27 1.11 -2.61
CA CYS A 157 -19.19 1.03 -1.16
C CYS A 157 -18.47 -0.23 -0.66
N ASP A 158 -18.18 -1.19 -1.54
CA ASP A 158 -17.55 -2.44 -1.14
C ASP A 158 -16.04 -2.40 -1.26
N ILE A 159 -15.47 -1.30 -1.74
CA ILE A 159 -14.02 -1.25 -1.98
C ILE A 159 -13.24 -1.10 -0.68
N MET A 160 -13.56 -0.09 0.14
CA MET A 160 -12.65 0.29 1.20
C MET A 160 -12.90 -0.46 2.51
N GLU A 161 -14.10 -0.95 2.76
CA GLU A 161 -14.38 -1.52 4.08
C GLU A 161 -13.44 -2.66 4.45
N PRO A 162 -13.10 -3.61 3.57
CA PRO A 162 -12.15 -4.66 3.98
C PRO A 162 -10.77 -4.11 4.29
N LYS A 163 -10.43 -2.98 3.68
CA LYS A 163 -9.14 -2.34 3.94
C LYS A 163 -9.14 -1.68 5.32
N PHE A 164 -10.25 -1.03 5.71
CA PHE A 164 -10.36 -0.55 7.09
C PHE A 164 -10.26 -1.69 8.08
N ASP A 165 -10.92 -2.83 7.79
CA ASP A 165 -10.87 -3.96 8.72
C ASP A 165 -9.43 -4.46 8.88
N PHE A 166 -8.71 -4.60 7.77
CA PHE A 166 -7.32 -5.00 7.86
C PHE A 166 -6.54 -3.98 8.69
N ALA A 167 -6.76 -2.69 8.42
CA ALA A 167 -5.95 -1.64 9.02
C ALA A 167 -6.15 -1.56 10.54
N MET A 168 -7.37 -1.78 11.02
CA MET A 168 -7.58 -1.66 12.46
C MET A 168 -6.74 -2.69 13.21
N LYS A 169 -6.69 -3.91 12.72
CA LYS A 169 -5.88 -4.93 13.37
C LYS A 169 -4.39 -4.69 13.14
N PHE A 170 -4.02 -4.28 11.93
CA PHE A 170 -2.61 -4.00 11.66
C PHE A 170 -2.10 -2.87 12.55
N ASN A 171 -2.90 -1.81 12.69
CA ASN A 171 -2.50 -0.68 13.54
C ASN A 171 -2.38 -1.08 15.00
N ALA A 172 -3.15 -2.08 15.45
CA ALA A 172 -3.04 -2.53 16.83
C ALA A 172 -1.68 -3.16 17.15
N LEU A 173 -0.91 -3.54 16.13
CA LEU A 173 0.45 -4.03 16.34
C LEU A 173 1.42 -2.91 16.72
N GLU A 174 1.03 -1.65 16.51
CA GLU A 174 1.83 -0.49 16.91
C GLU A 174 3.21 -0.50 16.25
N LEU A 175 3.25 -0.80 14.96
CA LEU A 175 4.49 -0.68 14.22
C LEU A 175 4.83 0.79 14.01
N ASP A 176 6.11 1.08 13.85
CA ASP A 176 6.52 2.40 13.41
C ASP A 176 7.10 2.30 12.00
N ASP A 177 7.48 3.46 11.45
CA ASP A 177 8.00 3.51 10.08
C ASP A 177 9.25 2.65 9.89
N SER A 178 10.10 2.52 10.92
CA SER A 178 11.26 1.67 10.78
C SER A 178 10.87 0.21 10.56
N ASP A 179 9.77 -0.23 11.19
CA ASP A 179 9.24 -1.57 10.94
C ASP A 179 8.54 -1.65 9.58
N ILE A 180 7.71 -0.65 9.27
CA ILE A 180 6.87 -0.72 8.08
C ILE A 180 7.72 -0.70 6.83
N SER A 181 8.80 0.09 6.83
CA SER A 181 9.70 0.10 5.67
C SER A 181 10.22 -1.29 5.35
N LEU A 182 10.64 -2.04 6.39
CA LEU A 182 11.15 -3.39 6.18
C LEU A 182 10.04 -4.35 5.77
N PHE A 183 8.85 -4.17 6.32
CA PHE A 183 7.71 -4.99 5.94
C PHE A 183 7.36 -4.79 4.45
N VAL A 184 7.36 -3.53 3.99
CA VAL A 184 7.11 -3.27 2.57
C VAL A 184 8.21 -3.87 1.71
N ALA A 185 9.47 -3.75 2.13
CA ALA A 185 10.55 -4.39 1.40
C ALA A 185 10.33 -5.91 1.33
N ALA A 186 9.91 -6.53 2.43
CA ALA A 186 9.67 -7.98 2.42
C ALA A 186 8.52 -8.34 1.49
N ILE A 187 7.48 -7.51 1.44
CA ILE A 187 6.39 -7.75 0.49
C ILE A 187 6.91 -7.80 -0.93
N ILE A 188 7.79 -6.85 -1.29
CA ILE A 188 8.30 -6.78 -2.65
C ILE A 188 9.13 -8.02 -2.98
N CYS A 189 9.86 -8.55 -2.00
CA CYS A 189 10.79 -9.66 -2.18
C CYS A 189 10.15 -11.00 -1.89
N CYS A 190 9.11 -11.34 -2.65
CA CYS A 190 8.48 -12.65 -2.51
C CYS A 190 8.96 -13.53 -3.66
N GLY A 191 9.70 -14.58 -3.32
CA GLY A 191 10.22 -15.47 -4.33
C GLY A 191 9.20 -16.39 -4.97
N ASP A 192 7.96 -16.40 -4.47
CA ASP A 192 6.92 -17.29 -4.98
C ASP A 192 5.90 -16.57 -5.86
N ARG A 193 6.23 -15.39 -6.39
CA ARG A 193 5.34 -14.74 -7.33
C ARG A 193 5.31 -15.55 -8.63
N PRO A 194 4.15 -15.65 -9.27
CA PRO A 194 4.08 -16.38 -10.54
C PRO A 194 4.92 -15.72 -11.62
N GLY A 195 5.61 -16.54 -12.41
CA GLY A 195 6.31 -16.07 -13.59
C GLY A 195 7.72 -15.56 -13.36
N LEU A 196 8.29 -15.75 -12.19
CA LEU A 196 9.66 -15.28 -11.95
C LEU A 196 10.65 -16.13 -12.73
N LEU A 197 11.69 -15.48 -13.25
CA LEU A 197 12.72 -16.14 -14.03
C LEU A 197 13.85 -16.68 -13.15
N ASN A 198 14.34 -15.87 -12.21
N ASN A 198 14.39 -15.85 -12.26
CA ASN A 198 15.47 -16.21 -11.39
CA ASN A 198 15.50 -16.23 -11.39
C ASN A 198 15.02 -16.41 -9.95
C ASN A 198 14.98 -16.38 -9.96
N VAL A 199 14.19 -17.43 -9.74
CA VAL A 199 13.64 -17.69 -8.41
C VAL A 199 14.75 -17.81 -7.37
N GLY A 200 15.85 -18.48 -7.73
CA GLY A 200 16.89 -18.72 -6.74
C GLY A 200 17.47 -17.44 -6.18
N HIS A 201 17.80 -16.48 -7.06
CA HIS A 201 18.39 -15.23 -6.56
C HIS A 201 17.38 -14.43 -5.76
N ILE A 202 16.11 -14.44 -6.19
CA ILE A 202 15.06 -13.71 -5.47
C ILE A 202 14.86 -14.30 -4.08
N GLU A 203 14.84 -15.63 -3.97
CA GLU A 203 14.70 -16.25 -2.66
C GLU A 203 15.85 -15.86 -1.74
N LYS A 204 17.05 -15.74 -2.28
CA LYS A 204 18.16 -15.26 -1.46
C LYS A 204 17.97 -13.79 -1.07
N MET A 205 17.48 -12.97 -1.99
N MET A 205 17.48 -12.97 -1.99
CA MET A 205 17.16 -11.58 -1.65
CA MET A 205 17.14 -11.59 -1.67
C MET A 205 16.08 -11.53 -0.56
C MET A 205 16.08 -11.54 -0.58
N GLN A 206 15.03 -12.33 -0.72
CA GLN A 206 13.98 -12.41 0.29
C GLN A 206 14.53 -12.86 1.64
N GLU A 207 15.37 -13.90 1.63
CA GLU A 207 15.93 -14.38 2.90
C GLU A 207 16.69 -13.27 3.62
N GLY A 208 17.42 -12.45 2.87
CA GLY A 208 18.19 -11.39 3.49
C GLY A 208 17.32 -10.32 4.10
N ILE A 209 16.28 -9.90 3.39
CA ILE A 209 15.39 -8.86 3.91
C ILE A 209 14.62 -9.39 5.11
N VAL A 210 14.12 -10.62 5.03
CA VAL A 210 13.37 -11.19 6.14
C VAL A 210 14.25 -11.36 7.36
N HIS A 211 15.53 -11.73 7.15
CA HIS A 211 16.46 -11.82 8.26
C HIS A 211 16.61 -10.46 8.95
N VAL A 212 16.75 -9.39 8.16
CA VAL A 212 16.86 -8.05 8.74
C VAL A 212 15.57 -7.67 9.47
N LEU A 213 14.42 -8.00 8.88
CA LEU A 213 13.14 -7.72 9.52
C LEU A 213 13.01 -8.44 10.86
N ARG A 214 13.36 -9.74 10.89
CA ARG A 214 13.27 -10.50 12.13
C ARG A 214 14.14 -9.88 13.22
N LEU A 215 15.40 -9.58 12.90
CA LEU A 215 16.29 -9.02 13.91
C LEU A 215 15.83 -7.62 14.33
N HIS A 216 15.32 -6.83 13.38
CA HIS A 216 14.85 -5.49 13.73
C HIS A 216 13.66 -5.56 14.69
N LEU A 217 12.72 -6.46 14.43
CA LEU A 217 11.56 -6.57 15.31
C LEU A 217 11.96 -7.01 16.71
N GLN A 218 12.93 -7.95 16.79
CA GLN A 218 13.43 -8.37 18.10
C GLN A 218 13.99 -7.17 18.87
N SER A 219 14.70 -6.27 18.17
CA SER A 219 15.31 -5.13 18.82
C SER A 219 14.31 -4.03 19.14
N ASN A 220 13.39 -3.75 18.20
CA ASN A 220 12.48 -2.61 18.32
C ASN A 220 11.21 -2.95 19.07
N HIS A 221 10.87 -4.23 19.18
CA HIS A 221 9.64 -4.68 19.83
C HIS A 221 9.93 -5.82 20.80
N PRO A 222 10.81 -5.59 21.80
CA PRO A 222 11.13 -6.66 22.74
C PRO A 222 9.94 -7.12 23.56
N ASP A 223 8.89 -6.33 23.62
CA ASP A 223 7.70 -6.66 24.39
C ASP A 223 6.78 -7.68 23.72
N ASP A 224 6.91 -7.90 22.40
CA ASP A 224 5.98 -8.73 21.64
C ASP A 224 6.79 -9.84 20.96
N ILE A 225 6.91 -10.98 21.66
CA ILE A 225 7.79 -12.04 21.16
C ILE A 225 7.26 -12.72 19.91
N PHE A 226 5.99 -12.52 19.57
CA PHE A 226 5.40 -13.13 18.39
C PHE A 226 5.24 -12.15 17.23
N LEU A 227 5.85 -10.97 17.29
CA LEU A 227 5.56 -9.96 16.26
C LEU A 227 5.96 -10.45 14.86
N PHE A 228 7.09 -11.16 14.75
CA PHE A 228 7.52 -11.63 13.43
C PHE A 228 6.49 -12.58 12.81
N PRO A 229 6.10 -13.67 13.46
CA PRO A 229 5.07 -14.53 12.85
C PRO A 229 3.73 -13.81 12.65
N LYS A 230 3.36 -12.87 13.53
CA LYS A 230 2.17 -12.07 13.27
C LYS A 230 2.30 -11.35 11.93
N LEU A 231 3.47 -10.80 11.64
CA LEU A 231 3.66 -10.06 10.39
C LEU A 231 3.70 -10.99 9.19
N LEU A 232 4.29 -12.19 9.33
CA LEU A 232 4.20 -13.16 8.25
C LEU A 232 2.74 -13.46 7.93
N GLN A 233 1.90 -13.61 8.96
CA GLN A 233 0.50 -13.84 8.72
C GLN A 233 -0.15 -12.63 8.04
N LYS A 234 0.21 -11.42 8.45
CA LYS A 234 -0.35 -10.23 7.79
C LYS A 234 0.02 -10.20 6.32
N MET A 235 1.23 -10.66 5.97
CA MET A 235 1.59 -10.73 4.56
C MET A 235 0.66 -11.66 3.79
N ALA A 236 0.37 -12.83 4.37
CA ALA A 236 -0.58 -13.76 3.75
C ALA A 236 -1.98 -13.13 3.67
N ASP A 237 -2.41 -12.45 4.72
CA ASP A 237 -3.70 -11.78 4.72
C ASP A 237 -3.76 -10.72 3.61
N LEU A 238 -2.67 -9.99 3.40
CA LEU A 238 -2.64 -8.99 2.35
C LEU A 238 -2.75 -9.61 0.97
N ARG A 239 -2.08 -10.75 0.76
CA ARG A 239 -2.22 -11.41 -0.53
C ARG A 239 -3.68 -11.77 -0.81
N GLN A 240 -4.38 -12.29 0.20
N GLN A 240 -4.38 -12.30 0.19
CA GLN A 240 -5.79 -12.61 0.01
CA GLN A 240 -5.79 -12.61 -0.01
C GLN A 240 -6.63 -11.35 -0.17
C GLN A 240 -6.61 -11.34 -0.21
N LEU A 241 -6.31 -10.29 0.55
CA LEU A 241 -7.02 -9.03 0.39
C LEU A 241 -6.87 -8.50 -1.03
N VAL A 242 -5.67 -8.64 -1.60
CA VAL A 242 -5.43 -8.15 -2.96
C VAL A 242 -6.16 -9.01 -3.98
N THR A 243 -6.16 -10.34 -3.79
CA THR A 243 -6.89 -11.20 -4.71
C THR A 243 -8.36 -10.81 -4.75
N GLU A 244 -8.96 -10.59 -3.59
CA GLU A 244 -10.36 -10.21 -3.51
C GLU A 244 -10.58 -8.82 -4.09
N HIS A 245 -9.64 -7.90 -3.84
CA HIS A 245 -9.75 -6.56 -4.40
C HIS A 245 -9.72 -6.60 -5.92
N ALA A 246 -8.79 -7.37 -6.48
CA ALA A 246 -8.70 -7.49 -7.94
C ALA A 246 -10.01 -8.04 -8.51
N GLN A 247 -10.64 -8.99 -7.83
CA GLN A 247 -11.91 -9.53 -8.31
C GLN A 247 -12.99 -8.44 -8.35
N LEU A 248 -13.05 -7.60 -7.33
CA LEU A 248 -14.04 -6.53 -7.32
C LEU A 248 -13.75 -5.49 -8.40
N VAL A 249 -12.48 -5.15 -8.60
CA VAL A 249 -12.11 -4.20 -9.65
C VAL A 249 -12.52 -4.74 -11.01
N GLN A 250 -12.38 -6.05 -11.22
CA GLN A 250 -12.79 -6.63 -12.49
C GLN A 250 -14.28 -6.49 -12.70
N ILE A 251 -15.07 -6.73 -11.64
CA ILE A 251 -16.52 -6.53 -11.74
C ILE A 251 -16.85 -5.09 -12.06
N ILE A 252 -16.18 -4.14 -11.42
CA ILE A 252 -16.47 -2.73 -11.68
C ILE A 252 -16.12 -2.36 -13.11
N LYS A 253 -14.91 -2.70 -13.54
CA LYS A 253 -14.49 -2.38 -14.91
C LYS A 253 -15.46 -2.95 -15.92
N LYS A 254 -15.89 -4.19 -15.71
CA LYS A 254 -16.70 -4.89 -16.70
C LYS A 254 -18.13 -4.39 -16.75
N THR A 255 -18.71 -4.01 -15.61
CA THR A 255 -20.12 -3.69 -15.50
C THR A 255 -20.44 -2.21 -15.42
N GLU A 256 -19.46 -1.35 -15.12
CA GLU A 256 -19.68 0.08 -14.95
C GLU A 256 -19.17 0.79 -16.20
N SER A 257 -20.09 1.26 -17.03
CA SER A 257 -19.73 1.82 -18.32
C SER A 257 -18.87 3.07 -18.21
N ASP A 258 -18.84 3.73 -17.05
CA ASP A 258 -18.09 4.96 -16.87
C ASP A 258 -16.85 4.80 -16.00
N ALA A 259 -16.48 3.57 -15.66
CA ALA A 259 -15.40 3.34 -14.71
C ALA A 259 -14.19 2.71 -15.40
N ALA A 260 -13.70 3.34 -16.46
CA ALA A 260 -12.55 2.81 -17.17
C ALA A 260 -11.32 2.82 -16.27
N LEU A 261 -10.39 1.92 -16.57
CA LEU A 261 -9.20 1.74 -15.76
C LEU A 261 -8.01 2.38 -16.47
N HIS A 262 -7.23 3.15 -15.72
CA HIS A 262 -6.01 3.74 -16.25
C HIS A 262 -5.11 2.64 -16.83
N PRO A 263 -4.48 2.86 -17.99
CA PRO A 263 -3.75 1.76 -18.64
C PRO A 263 -2.64 1.15 -17.78
N LEU A 264 -1.93 1.94 -16.97
CA LEU A 264 -0.91 1.37 -16.10
C LEU A 264 -1.53 0.39 -15.10
N LEU A 265 -2.67 0.76 -14.52
CA LEU A 265 -3.33 -0.13 -13.58
C LEU A 265 -3.93 -1.34 -14.29
N GLN A 266 -4.50 -1.14 -15.49
CA GLN A 266 -4.95 -2.27 -16.28
C GLN A 266 -3.84 -3.30 -16.44
N GLU A 267 -2.62 -2.84 -16.70
CA GLU A 267 -1.50 -3.76 -16.89
C GLU A 267 -1.14 -4.47 -15.59
N ILE A 268 -1.18 -3.75 -14.47
CA ILE A 268 -0.88 -4.37 -13.19
C ILE A 268 -1.88 -5.48 -12.88
N TYR A 269 -3.17 -5.20 -13.06
N TYR A 269 -3.18 -5.19 -13.07
CA TYR A 269 -4.18 -6.20 -12.77
CA TYR A 269 -4.21 -6.17 -12.78
C TYR A 269 -4.25 -7.30 -13.82
C TYR A 269 -4.22 -7.30 -13.80
N ARG A 270 -3.76 -7.05 -15.02
CA ARG A 270 -3.88 -8.03 -16.10
C ARG A 270 -3.02 -9.26 -15.82
N ASP A 271 -3.65 -10.44 -15.86
CA ASP A 271 -3.00 -11.73 -15.62
C ASP A 271 -2.48 -11.88 -14.19
N MET A 272 -2.86 -10.98 -13.28
CA MET A 272 -2.38 -11.08 -11.90
C MET A 272 -3.01 -12.29 -11.20
N TYR A 273 -4.33 -12.25 -11.03
CA TYR A 273 -5.04 -13.30 -10.30
C TYR A 273 -6.23 -13.86 -11.08
C1 GOL B . -2.33 4.34 13.67
O1 GOL B . -1.85 5.06 14.77
C2 GOL B . -2.51 5.27 12.46
O2 GOL B . -1.27 5.81 12.10
C3 GOL B . -3.47 6.40 12.78
O3 GOL B . -4.75 5.89 13.03
H11 GOL B . -3.19 3.95 13.90
H12 GOL B . -1.71 3.64 13.45
HO1 GOL B . -1.54 5.81 14.50
H2 GOL B . -2.86 4.75 11.72
HO2 GOL B . -0.64 5.37 12.46
H31 GOL B . -3.16 6.88 13.56
H32 GOL B . -3.51 7.01 12.02
HO3 GOL B . -4.72 5.04 13.11
C26 2VN C . -8.46 1.05 -7.84
C26 2VN C . -8.61 1.40 -8.06
C1 2VN C . -2.19 6.77 -1.39
C1 2VN C . -2.18 6.77 -1.45
C10 2VN C . -7.72 8.65 -2.57
C10 2VN C . -7.73 8.63 -2.58
C11 2VN C . -8.94 9.54 -2.37
C11 2VN C . -8.96 9.52 -2.38
C12 2VN C . -8.85 10.83 -3.18
C12 2VN C . -8.87 10.81 -3.19
C13 2VN C . -9.94 11.81 -2.77
C13 2VN C . -9.94 11.80 -2.77
C14 2VN C . -11.30 11.36 -3.28
C14 2VN C . -11.31 11.34 -3.30
C15 2VN C . -12.39 12.36 -2.90
C15 2VN C . -12.40 12.36 -2.93
C16 2VN C . -12.06 13.75 -3.42
C16 2VN C . -12.05 13.74 -3.46
C17 2VN C . -10.68 14.19 -2.93
C17 2VN C . -10.69 14.18 -2.94
C18 2VN C . -9.62 13.19 -3.37
C18 2VN C . -9.62 13.17 -3.36
C19 2VN C . -7.30 4.12 -1.91
C19 2VN C . -7.34 4.11 -1.96
C2 2VN C . -3.13 5.85 -0.63
C2 2VN C . -3.12 5.86 -0.66
C20 2VN C . -7.87 3.23 -3.02
C20 2VN C . -7.79 3.18 -3.09
C21 2VN C . -7.05 2.36 -3.71
C21 2VN C . -6.87 2.34 -3.71
C22 2VN C . -7.56 1.59 -4.74
C22 2VN C . -7.26 1.52 -4.74
C23 2VN C . -8.90 1.69 -5.06
C23 2VN C . -8.58 1.52 -5.18
C24 2VN C . -9.73 2.57 -4.39
C24 2VN C . -9.50 2.37 -4.58
C25 2VN C . -9.21 3.34 -3.36
C25 2VN C . -9.10 3.20 -3.54
C27 2VN C . -7.12 0.37 -7.68
C27 2VN C . -7.11 1.70 -8.02
C28 2VN C . -9.08 0.57 -9.15
C28 2VN C . -8.93 0.59 -9.31
C29 2VN C . -8.23 2.56 -7.96
C29 2VN C . -9.36 2.72 -8.07
C3 2VN C . -2.54 4.45 -0.53
C3 2VN C . -2.51 4.45 -0.55
C4 2VN C . -1.21 4.49 0.23
C4 2VN C . -1.18 4.51 0.19
C55 2VN C . -0.23 5.45 -0.41
C55 2VN C . -0.21 5.49 -0.47
C6 2VN C . -0.83 6.83 -0.70
C6 2VN C . -0.82 6.86 -0.76
C7 2VN C . -5.46 6.71 -1.08
C7 2VN C . -5.45 6.70 -1.09
C8 2VN C . -6.91 5.40 -2.66
C8 2VN C . -6.93 5.41 -2.69
C9 2VN C . -7.79 7.49 -1.56
C9 2VN C . -7.77 7.49 -1.56
N2 2VN C . -6.71 6.54 -1.76
N2 2VN C . -6.71 6.53 -1.78
N1 2VN C . -4.41 5.74 -1.30
N1 2VN C . -4.39 5.74 -1.33
O2 2VN C . -7.03 -0.89 -7.58
O2 2VN C . -6.29 0.78 -8.26
O1 2VN C . -5.30 7.64 -0.35
O1 2VN C . -5.29 7.62 -0.37
O3 2VN C . -6.08 1.09 -7.65
O3 2VN C . -6.69 2.85 -7.75
S1 2VN C . -9.56 0.69 -6.42
S1 2VN C . -9.07 0.45 -6.57
H2 2VN C . -2.07 6.42 -2.29
H2 2VN C . -2.06 6.40 -2.33
H1 2VN C . -2.57 7.66 -1.45
H1 2VN C . -2.57 7.65 -1.50
H18 2VN C . -7.72 8.29 -3.48
H18 2VN C . -7.74 8.27 -3.48
H17 2VN C . -6.91 9.17 -2.43
H17 2VN C . -6.93 9.15 -2.45
H20 2VN C . -9.73 9.05 -2.64
H20 2VN C . -9.75 9.03 -2.65
H19 2VN C . -9.02 9.76 -1.43
H19 2VN C . -9.03 9.75 -1.43
H22 2VN C . -7.98 11.23 -3.04
H22 2VN C . -8.00 11.21 -3.05
H21 2VN C . -8.95 10.62 -4.13
H21 2VN C . -8.98 10.59 -4.13
H23 2VN C . -9.96 11.89 -1.80
H23 2VN C . -9.98 11.86 -1.80
H24 2VN C . -11.50 10.49 -2.90
H24 2VN C . -11.53 10.49 -2.91
H25 2VN C . -11.26 11.28 -4.25
H25 2VN C . -11.26 11.26 -4.26
H26 2VN C . -12.47 12.39 -1.93
H26 2VN C . -12.48 12.39 -1.97
H27 2VN C . -13.24 12.07 -3.29
H27 2VN C . -13.24 12.07 -3.33
H28 2VN C . -12.07 13.74 -4.39
H28 2VN C . -12.04 13.72 -4.43
H29 2VN C . -12.73 14.38 -3.10
H29 2VN C . -12.72 14.38 -3.16
H31 2VN C . -10.47 15.06 -3.31
H31 2VN C . -10.46 15.05 -3.31
H30 2VN C . -10.69 14.25 -1.96
H30 2VN C . -10.71 14.24 -1.97
H32 2VN C . -8.76 13.48 -3.06
H32 2VN C . -8.76 13.46 -3.04
H33 2VN C . -9.62 13.12 -4.33
H33 2VN C . -9.60 13.11 -4.33
H35 2VN C . -7.98 4.30 -1.24
H35 2VN C . -8.07 4.28 -1.35
H34 2VN C . -6.52 3.69 -1.51
H34 2VN C . -6.58 3.73 -1.49
H3 2VN C . -3.27 6.21 0.27
H3 2VN C . -3.25 6.23 0.22
HK6 2VN C . -6.14 2.29 -3.48
HK6 2VN C . -5.99 2.33 -3.42
HL7 2VN C . -7.01 1.01 -5.20
HL7 2VN C . -6.64 0.95 -5.15
HL8 2VN C . -10.63 2.64 -4.62
HL8 2VN C . -10.38 2.38 -4.88
HK9 2VN C . -9.76 3.93 -2.90
HK9 2VN C . -9.72 3.76 -3.14
HJ2 2VN C . -9.20 -0.40 -9.11
HJ2 2VN C . -8.42 -0.23 -9.30
HJ1 2VN C . -9.93 1.00 -9.29
HJ1 2VN C . -9.88 0.39 -9.33
HJ0 2VN C . -8.49 0.79 -9.89
HJ0 2VN C . -8.69 1.11 -10.09
HJ4 2VN C . -7.92 2.91 -7.12
HJ4 2VN C . -9.23 3.18 -7.23
HJ5 2VN C . -7.56 2.72 -8.64
HJ5 2VN C . -9.04 3.27 -8.80
HJ3 2VN C . -9.07 3.00 -8.21
HJ3 2VN C . -10.31 2.55 -8.21
H4 2VN C . -2.39 4.11 -1.43
H4 2VN C . -2.38 4.10 -1.44
H5 2VN C . -3.16 3.88 -0.06
H5 2VN C . -3.13 3.89 -0.05
H7 2VN C . -1.38 4.76 1.14
H7 2VN C . -1.34 4.78 1.10
H6 2VN C . -0.82 3.59 0.23
H6 2VN C . -0.78 3.62 0.18
H9 2VN C . 0.07 5.07 -1.25
H9 2VN C . 0.09 5.11 -1.30
H8 2VN C . 0.52 5.57 0.18
H8 2VN C . 0.55 5.61 0.12
H11 2VN C . -0.22 7.33 -1.27
H11 2VN C . -0.22 7.37 -1.31
H10 2VN C . -0.94 7.31 0.14
H10 2VN C . -0.94 7.33 0.09
H14 2VN C . -7.61 5.62 -3.29
H14 2VN C . -7.63 5.65 -3.32
H13 2VN C . -6.09 5.23 -3.15
H13 2VN C . -6.11 5.24 -3.17
H16 2VN C . -7.72 7.86 -0.67
H16 2VN C . -7.67 7.86 -0.67
H15 2VN C . -8.64 7.04 -1.67
H15 2VN C . -8.63 7.04 -1.63
H12 2VN C . -4.55 5.08 -1.82
H12 2VN C . -4.53 5.08 -1.87
#